data_2IM8
#
_entry.id   2IM8
#
_cell.length_a   44.735
_cell.length_b   70.830
_cell.length_c   76.237
_cell.angle_alpha   90.00
_cell.angle_beta   90.00
_cell.angle_gamma   90.00
#
_symmetry.space_group_name_H-M   'P 21 21 21'
#
loop_
_entity.id
_entity.type
_entity.pdbx_description
1 polymer 'Hypothetical protein yppE'
2 non-polymer 'PHOSPHATE ION'
3 water water
#
_entity_poly.entity_id   1
_entity_poly.type   'polypeptide(L)'
_entity_poly.pdbx_seq_one_letter_code
;(MSE)LSQTLLE(MSE)TEQ(MSE)IEVAEKGADRYQEGKNSNHSYDFFETIKPAVEENDELAARWAEGALELIKVRRPK
YVHKEQIEAVKDNFLELVLQSYVHHIHKKRFKDITESVLYTLHAVKDEIAREDSRLEHHHHHH
;
_entity_poly.pdbx_strand_id   A,B
#
# COMPACT_ATOMS: atom_id res chain seq x y z
N LEU A 2 -12.31 -20.84 -4.54
CA LEU A 2 -13.17 -20.08 -3.63
C LEU A 2 -12.35 -18.84 -3.28
N SER A 3 -13.01 -17.72 -3.03
CA SER A 3 -12.27 -16.52 -2.69
C SER A 3 -11.44 -16.80 -1.44
N GLN A 4 -11.91 -17.77 -0.66
CA GLN A 4 -11.25 -18.19 0.58
C GLN A 4 -9.80 -18.61 0.35
N THR A 5 -9.56 -19.31 -0.76
CA THR A 5 -8.23 -19.78 -1.11
C THR A 5 -7.33 -18.59 -1.47
N LEU A 6 -7.89 -17.67 -2.25
CA LEU A 6 -7.16 -16.49 -2.68
C LEU A 6 -6.74 -15.70 -1.45
N LEU A 7 -7.70 -15.48 -0.56
CA LEU A 7 -7.47 -14.74 0.67
C LEU A 7 -6.34 -15.36 1.51
N GLU A 8 -6.37 -16.68 1.66
CA GLU A 8 -5.33 -17.35 2.44
C GLU A 8 -3.99 -17.14 1.76
N THR A 10 -3.20 -14.74 -0.12
CA THR A 10 -2.86 -13.33 0.03
C THR A 10 -2.19 -13.08 1.39
N GLU A 11 -2.77 -13.64 2.44
CA GLU A 11 -2.22 -13.45 3.78
C GLU A 11 -0.87 -14.14 3.92
N GLN A 12 -0.70 -15.26 3.22
CA GLN A 12 0.56 -16.02 3.24
C GLN A 12 1.66 -15.15 2.62
N ILE A 14 1.68 -11.90 2.34
CA ILE A 14 1.92 -10.73 3.18
C ILE A 14 2.91 -11.11 4.26
N GLU A 15 2.71 -12.27 4.86
CA GLU A 15 3.61 -12.73 5.91
C GLU A 15 5.01 -12.99 5.34
N VAL A 16 5.07 -13.64 4.18
CA VAL A 16 6.36 -13.91 3.54
C VAL A 16 7.10 -12.59 3.34
N ALA A 17 6.37 -11.57 2.88
CA ALA A 17 6.94 -10.25 2.64
C ALA A 17 7.39 -9.56 3.93
N GLU A 18 6.57 -9.61 4.98
CA GLU A 18 6.93 -8.96 6.24
C GLU A 18 8.07 -9.69 6.94
N LYS A 19 8.04 -11.02 6.90
CA LYS A 19 9.12 -11.77 7.51
C LYS A 19 10.37 -11.55 6.67
N GLY A 20 10.17 -11.43 5.36
CA GLY A 20 11.29 -11.19 4.46
C GLY A 20 11.98 -9.87 4.77
N ALA A 21 11.18 -8.84 5.03
CA ALA A 21 11.70 -7.51 5.35
C ALA A 21 12.58 -7.55 6.60
N ASP A 22 12.13 -8.28 7.62
CA ASP A 22 12.89 -8.39 8.85
C ASP A 22 14.18 -9.16 8.60
N ARG A 23 14.10 -10.20 7.77
CA ARG A 23 15.27 -10.99 7.48
C ARG A 23 16.30 -10.11 6.74
N TYR A 24 15.81 -9.28 5.83
CA TYR A 24 16.66 -8.38 5.05
C TYR A 24 17.43 -7.43 5.96
N GLN A 25 16.71 -6.75 6.84
CA GLN A 25 17.31 -5.80 7.77
C GLN A 25 18.31 -6.49 8.68
N GLU A 26 17.96 -7.68 9.18
CA GLU A 26 18.88 -8.38 10.05
C GLU A 26 20.15 -8.76 9.27
N GLY A 27 19.98 -9.10 8.01
CA GLY A 27 21.12 -9.45 7.18
C GLY A 27 22.04 -8.28 6.90
N LYS A 28 21.46 -7.08 6.79
CA LYS A 28 22.28 -5.90 6.54
C LYS A 28 23.06 -5.52 7.78
N ASN A 29 22.39 -5.61 8.93
CA ASN A 29 23.01 -5.25 10.21
C ASN A 29 24.13 -6.21 10.61
N SER A 30 23.82 -7.50 10.61
CA SER A 30 24.78 -8.53 10.98
C SER A 30 24.58 -9.70 10.04
N ASN A 31 25.27 -9.65 8.90
CA ASN A 31 25.18 -10.67 7.87
C ASN A 31 25.32 -12.11 8.32
N HIS A 32 24.54 -12.98 7.67
CA HIS A 32 24.56 -14.43 7.91
C HIS A 32 24.48 -15.10 6.53
N SER A 33 25.38 -16.05 6.28
CA SER A 33 25.37 -16.72 4.99
C SER A 33 24.33 -17.84 4.93
N TYR A 34 23.20 -17.56 4.26
CA TYR A 34 22.15 -18.58 4.13
C TYR A 34 22.56 -19.59 3.08
N ASP A 35 22.20 -20.86 3.29
CA ASP A 35 22.56 -21.89 2.34
C ASP A 35 21.79 -21.77 1.03
N PHE A 36 22.50 -21.78 -0.09
CA PHE A 36 21.80 -21.62 -1.37
C PHE A 36 20.84 -22.74 -1.79
N PHE A 37 21.34 -23.96 -1.91
CA PHE A 37 20.47 -25.06 -2.34
C PHE A 37 19.49 -25.56 -1.29
N GLU A 38 19.83 -25.42 -0.01
CA GLU A 38 18.94 -25.90 1.06
C GLU A 38 17.94 -24.89 1.60
N THR A 39 18.20 -23.60 1.37
CA THR A 39 17.29 -22.59 1.91
C THR A 39 16.80 -21.55 0.88
N ILE A 40 17.74 -20.85 0.27
CA ILE A 40 17.43 -19.79 -0.68
C ILE A 40 16.64 -20.26 -1.91
N LYS A 41 17.23 -21.15 -2.69
CA LYS A 41 16.60 -21.67 -3.89
C LYS A 41 15.20 -22.24 -3.60
N PRO A 42 15.06 -23.07 -2.55
CA PRO A 42 13.72 -23.61 -2.27
C PRO A 42 12.73 -22.54 -1.82
N ALA A 43 13.22 -21.48 -1.20
CA ALA A 43 12.34 -20.42 -0.73
C ALA A 43 11.80 -19.69 -1.95
N VAL A 44 12.67 -19.45 -2.93
CA VAL A 44 12.24 -18.78 -4.15
C VAL A 44 11.28 -19.66 -4.94
N GLU A 45 11.63 -20.94 -5.07
CA GLU A 45 10.79 -21.88 -5.82
C GLU A 45 9.40 -21.97 -5.21
N GLU A 46 9.32 -22.18 -3.90
CA GLU A 46 8.04 -22.30 -3.23
C GLU A 46 7.22 -21.02 -3.38
N ASN A 47 7.87 -19.87 -3.22
CA ASN A 47 7.16 -18.62 -3.34
C ASN A 47 6.79 -18.29 -4.77
N ASP A 48 7.53 -18.87 -5.70
CA ASP A 48 7.25 -18.69 -7.10
C ASP A 48 5.91 -19.38 -7.37
N GLU A 49 5.75 -20.59 -6.83
CA GLU A 49 4.50 -21.34 -7.02
C GLU A 49 3.35 -20.61 -6.38
N LEU A 50 3.57 -20.13 -5.16
CA LEU A 50 2.55 -19.39 -4.43
C LEU A 50 2.10 -18.15 -5.22
N ALA A 51 3.07 -17.35 -5.68
CA ALA A 51 2.78 -16.12 -6.42
C ALA A 51 1.99 -16.38 -7.71
N ALA A 52 2.35 -17.44 -8.42
CA ALA A 52 1.67 -17.79 -9.67
C ALA A 52 0.21 -18.17 -9.46
N ARG A 53 -0.05 -19.02 -8.47
CA ARG A 53 -1.41 -19.46 -8.16
C ARG A 53 -2.26 -18.29 -7.66
N TRP A 54 -1.62 -17.39 -6.91
CA TRP A 54 -2.30 -16.23 -6.37
C TRP A 54 -2.73 -15.32 -7.52
N ALA A 55 -1.79 -15.01 -8.41
CA ALA A 55 -2.06 -14.14 -9.55
C ALA A 55 -3.21 -14.67 -10.41
N GLU A 56 -3.19 -15.98 -10.70
CA GLU A 56 -4.25 -16.57 -11.50
C GLU A 56 -5.59 -16.39 -10.79
N GLY A 57 -5.60 -16.55 -9.47
CA GLY A 57 -6.84 -16.39 -8.73
C GLY A 57 -7.26 -14.93 -8.69
N ALA A 58 -6.27 -14.04 -8.48
CA ALA A 58 -6.54 -12.60 -8.44
C ALA A 58 -7.11 -12.15 -9.78
N LEU A 59 -6.48 -12.58 -10.86
CA LEU A 59 -6.96 -12.21 -12.19
C LEU A 59 -8.39 -12.73 -12.42
N GLU A 60 -8.67 -13.96 -11.97
CA GLU A 60 -10.01 -14.52 -12.11
C GLU A 60 -10.99 -13.61 -11.38
N LEU A 61 -10.60 -13.23 -10.16
CA LEU A 61 -11.43 -12.37 -9.32
C LEU A 61 -11.87 -11.07 -10.01
N ILE A 62 -10.96 -10.45 -10.76
CA ILE A 62 -11.27 -9.19 -11.42
C ILE A 62 -12.02 -9.33 -12.73
N LYS A 63 -11.99 -10.53 -13.33
CA LYS A 63 -12.71 -10.74 -14.57
C LYS A 63 -14.19 -11.01 -14.32
N VAL A 64 -14.49 -11.86 -13.35
CA VAL A 64 -15.88 -12.18 -13.01
C VAL A 64 -16.70 -10.92 -12.75
N ARG A 65 -16.20 -10.08 -11.85
CA ARG A 65 -16.86 -8.82 -11.51
C ARG A 65 -15.78 -7.75 -11.51
N ARG A 66 -16.01 -6.66 -12.24
CA ARG A 66 -15.02 -5.60 -12.29
C ARG A 66 -14.83 -4.94 -10.93
N PRO A 67 -13.69 -5.22 -10.28
CA PRO A 67 -13.39 -4.64 -8.97
C PRO A 67 -13.21 -3.13 -9.03
N LYS A 68 -13.41 -2.48 -7.89
CA LYS A 68 -13.30 -1.04 -7.79
C LYS A 68 -11.87 -0.51 -7.72
N TYR A 69 -11.03 -1.14 -6.89
CA TYR A 69 -9.66 -0.66 -6.72
C TYR A 69 -8.47 -1.53 -7.14
N VAL A 70 -8.71 -2.62 -7.86
CA VAL A 70 -7.60 -3.46 -8.31
C VAL A 70 -7.74 -3.80 -9.79
N HIS A 71 -6.65 -3.64 -10.54
CA HIS A 71 -6.66 -3.95 -11.97
C HIS A 71 -5.55 -4.91 -12.40
N LYS A 72 -5.68 -5.46 -13.60
CA LYS A 72 -4.73 -6.43 -14.14
C LYS A 72 -3.23 -6.11 -14.04
N GLU A 73 -2.83 -4.94 -14.55
CA GLU A 73 -1.42 -4.57 -14.53
C GLU A 73 -0.83 -4.62 -13.12
N GLN A 74 -1.63 -4.21 -12.15
CA GLN A 74 -1.23 -4.20 -10.75
C GLN A 74 -0.96 -5.63 -10.30
N ILE A 75 -1.87 -6.53 -10.62
CA ILE A 75 -1.72 -7.94 -10.23
C ILE A 75 -0.47 -8.52 -10.88
N GLU A 76 -0.33 -8.32 -12.19
CA GLU A 76 0.80 -8.85 -12.93
C GLU A 76 2.18 -8.39 -12.42
N ALA A 77 2.27 -7.17 -11.90
CA ALA A 77 3.53 -6.63 -11.40
C ALA A 77 4.07 -7.27 -10.11
N VAL A 78 3.18 -7.87 -9.32
CA VAL A 78 3.56 -8.49 -8.04
C VAL A 78 4.65 -9.58 -8.15
N LYS A 79 4.46 -10.51 -9.07
CA LYS A 79 5.39 -11.62 -9.27
C LYS A 79 6.87 -11.24 -9.20
N ASP A 80 7.34 -10.46 -10.16
CA ASP A 80 8.75 -10.09 -10.19
C ASP A 80 9.23 -9.37 -8.95
N ASN A 81 8.42 -8.46 -8.41
CA ASN A 81 8.84 -7.74 -7.21
C ASN A 81 8.87 -8.68 -6.00
N PHE A 82 7.85 -9.52 -5.88
CA PHE A 82 7.77 -10.46 -4.77
C PHE A 82 8.95 -11.42 -4.77
N LEU A 83 9.29 -11.97 -5.95
CA LEU A 83 10.41 -12.89 -6.03
C LEU A 83 11.74 -12.20 -5.74
N GLU A 84 11.87 -10.94 -6.13
CA GLU A 84 13.11 -10.24 -5.82
C GLU A 84 13.17 -10.07 -4.31
N LEU A 85 12.04 -9.66 -3.72
CA LEU A 85 11.94 -9.46 -2.27
C LEU A 85 12.38 -10.74 -1.55
N VAL A 86 11.90 -11.89 -2.02
CA VAL A 86 12.26 -13.15 -1.38
C VAL A 86 13.76 -13.42 -1.46
N LEU A 87 14.33 -13.38 -2.65
CA LEU A 87 15.77 -13.61 -2.80
C LEU A 87 16.61 -12.64 -1.97
N GLN A 88 16.29 -11.36 -2.09
CA GLN A 88 17.06 -10.35 -1.36
C GLN A 88 16.95 -10.44 0.16
N SER A 89 15.89 -11.05 0.66
CA SER A 89 15.75 -11.18 2.11
C SER A 89 16.92 -12.05 2.60
N TYR A 90 17.37 -12.96 1.74
CA TYR A 90 18.48 -13.86 2.08
C TYR A 90 19.85 -13.32 1.73
N VAL A 91 19.99 -12.75 0.53
CA VAL A 91 21.28 -12.23 0.06
C VAL A 91 21.49 -10.72 0.25
N HIS A 92 20.40 -10.00 0.46
CA HIS A 92 20.40 -8.55 0.70
C HIS A 92 21.45 -7.70 -0.03
N HIS A 93 21.56 -7.88 -1.33
CA HIS A 93 22.53 -7.09 -2.09
C HIS A 93 22.00 -5.69 -2.38
N ILE A 94 20.72 -5.60 -2.77
CA ILE A 94 20.15 -4.30 -3.08
C ILE A 94 20.10 -3.38 -1.86
N HIS A 95 20.05 -2.07 -2.08
CA HIS A 95 20.03 -1.10 -0.99
C HIS A 95 18.67 -0.96 -0.31
N LYS A 96 18.69 -0.38 0.89
CA LYS A 96 17.49 -0.18 1.71
C LYS A 96 16.31 0.44 0.98
N LYS A 97 16.55 1.55 0.27
CA LYS A 97 15.50 2.25 -0.45
C LYS A 97 14.78 1.37 -1.48
N ARG A 98 15.55 0.67 -2.28
CA ARG A 98 14.99 -0.22 -3.30
C ARG A 98 14.22 -1.36 -2.64
N PHE A 99 14.78 -1.94 -1.59
CA PHE A 99 14.09 -3.04 -0.92
C PHE A 99 12.75 -2.55 -0.37
N LYS A 100 12.76 -1.33 0.19
CA LYS A 100 11.53 -0.76 0.72
C LYS A 100 10.52 -0.54 -0.39
N ASP A 101 10.97 0.02 -1.52
CA ASP A 101 10.07 0.27 -2.65
C ASP A 101 9.34 -0.97 -3.15
N ILE A 102 10.04 -2.07 -3.37
CA ILE A 102 9.37 -3.28 -3.87
C ILE A 102 8.47 -3.88 -2.80
N THR A 103 8.90 -3.82 -1.55
CA THR A 103 8.12 -4.36 -0.45
C THR A 103 6.81 -3.56 -0.33
N GLU A 104 6.93 -2.23 -0.39
CA GLU A 104 5.74 -1.37 -0.30
C GLU A 104 4.74 -1.65 -1.43
N SER A 105 5.28 -1.85 -2.63
CA SER A 105 4.47 -2.11 -3.82
C SER A 105 3.72 -3.44 -3.70
N VAL A 106 4.43 -4.47 -3.28
CA VAL A 106 3.86 -5.80 -3.12
C VAL A 106 2.77 -5.78 -2.04
N LEU A 107 3.11 -5.25 -0.87
CA LEU A 107 2.18 -5.20 0.24
C LEU A 107 0.88 -4.45 -0.09
N TYR A 108 0.98 -3.30 -0.76
CA TYR A 108 -0.22 -2.55 -1.10
C TYR A 108 -1.14 -3.32 -2.03
N THR A 109 -0.58 -3.92 -3.08
CA THR A 109 -1.42 -4.67 -3.99
C THR A 109 -2.07 -5.84 -3.23
N LEU A 110 -1.31 -6.48 -2.35
CA LEU A 110 -1.84 -7.59 -1.58
C LEU A 110 -3.00 -7.11 -0.70
N HIS A 111 -2.81 -5.98 -0.04
CA HIS A 111 -3.86 -5.43 0.80
C HIS A 111 -5.06 -5.03 -0.03
N ALA A 112 -4.83 -4.52 -1.24
CA ALA A 112 -5.92 -4.12 -2.14
C ALA A 112 -6.78 -5.33 -2.50
N VAL A 113 -6.13 -6.41 -2.90
CA VAL A 113 -6.85 -7.63 -3.25
C VAL A 113 -7.63 -8.11 -2.04
N LYS A 114 -6.99 -8.04 -0.87
CA LYS A 114 -7.65 -8.44 0.38
C LYS A 114 -8.90 -7.59 0.60
N ASP A 115 -8.77 -6.28 0.39
CA ASP A 115 -9.89 -5.37 0.57
C ASP A 115 -11.03 -5.72 -0.40
N GLU A 116 -10.72 -5.98 -1.66
CA GLU A 116 -11.74 -6.32 -2.66
C GLU A 116 -12.48 -7.60 -2.24
N ILE A 117 -11.73 -8.61 -1.84
CA ILE A 117 -12.31 -9.86 -1.41
C ILE A 117 -13.32 -9.64 -0.28
N ALA A 118 -12.87 -9.01 0.80
CA ALA A 118 -13.71 -8.73 1.95
C ALA A 118 -14.95 -7.91 1.58
N ARG A 119 -14.76 -6.93 0.70
CA ARG A 119 -15.85 -6.06 0.28
C ARG A 119 -16.92 -6.82 -0.50
N GLU A 120 -16.49 -7.64 -1.45
CA GLU A 120 -17.41 -8.42 -2.28
C GLU A 120 -17.91 -9.70 -1.62
N ASP A 121 -17.15 -10.20 -0.65
CA ASP A 121 -17.54 -11.42 0.05
C ASP A 121 -18.60 -11.10 1.10
N SER A 122 -18.75 -9.82 1.42
CA SER A 122 -19.75 -9.37 2.38
C SER A 122 -20.95 -8.84 1.61
N ARG A 123 -20.93 -9.03 0.30
CA ARG A 123 -21.99 -8.58 -0.59
C ARG A 123 -22.08 -7.06 -0.67
N LEU B 2 14.30 23.29 -2.56
CA LEU B 2 14.12 22.53 -1.33
C LEU B 2 12.64 22.20 -1.26
N SER B 3 12.16 21.53 -2.31
CA SER B 3 10.76 21.13 -2.40
C SER B 3 10.68 19.68 -2.82
N GLN B 4 9.56 19.04 -2.47
CA GLN B 4 9.32 17.66 -2.83
C GLN B 4 8.85 17.55 -4.26
N THR B 5 9.23 16.47 -4.95
CA THR B 5 8.78 16.24 -6.32
C THR B 5 7.34 15.74 -6.18
N LEU B 6 6.64 15.57 -7.31
CA LEU B 6 5.27 15.11 -7.25
C LEU B 6 5.23 13.70 -6.66
N LEU B 7 6.18 12.87 -7.09
CA LEU B 7 6.26 11.50 -6.60
C LEU B 7 6.49 11.47 -5.10
N GLU B 8 7.44 12.29 -4.64
CA GLU B 8 7.75 12.35 -3.21
C GLU B 8 6.55 12.82 -2.39
N THR B 10 3.40 12.40 -3.22
CA THR B 10 2.43 11.31 -3.29
C THR B 10 2.76 10.23 -2.26
N GLU B 11 4.04 9.85 -2.19
CA GLU B 11 4.51 8.85 -1.25
C GLU B 11 4.35 9.34 0.18
N GLN B 12 4.49 10.65 0.37
CA GLN B 12 4.32 11.24 1.69
C GLN B 12 2.86 11.14 2.11
N ILE B 14 0.76 8.92 0.97
CA ILE B 14 0.50 7.50 1.18
C ILE B 14 0.90 7.14 2.62
N GLU B 15 2.09 7.56 3.04
CA GLU B 15 2.56 7.27 4.39
C GLU B 15 1.64 7.88 5.46
N VAL B 16 1.18 9.11 5.25
CA VAL B 16 0.31 9.76 6.22
C VAL B 16 -1.02 9.02 6.30
N ALA B 17 -1.51 8.54 5.16
CA ALA B 17 -2.78 7.82 5.15
C ALA B 17 -2.67 6.44 5.81
N GLU B 18 -1.56 5.74 5.57
CA GLU B 18 -1.33 4.42 6.16
C GLU B 18 -1.23 4.59 7.67
N LYS B 19 -0.35 5.51 8.08
CA LYS B 19 -0.15 5.78 9.50
C LYS B 19 -1.44 6.22 10.17
N GLY B 20 -2.23 7.03 9.47
CA GLY B 20 -3.50 7.50 10.02
C GLY B 20 -4.50 6.38 10.25
N ALA B 21 -4.53 5.41 9.33
CA ALA B 21 -5.43 4.27 9.44
C ALA B 21 -5.06 3.46 10.68
N ASP B 22 -3.77 3.38 10.98
CA ASP B 22 -3.32 2.63 12.15
C ASP B 22 -3.66 3.42 13.42
N ARG B 23 -3.48 4.74 13.37
CA ARG B 23 -3.79 5.59 14.54
C ARG B 23 -5.28 5.54 14.86
N TYR B 24 -6.11 5.47 13.83
CA TYR B 24 -7.56 5.39 14.00
C TYR B 24 -7.90 4.07 14.72
N GLN B 25 -7.29 2.98 14.25
CA GLN B 25 -7.50 1.65 14.83
C GLN B 25 -7.12 1.69 16.32
N GLU B 26 -5.95 2.26 16.62
CA GLU B 26 -5.49 2.35 18.00
C GLU B 26 -6.40 3.25 18.84
N GLY B 27 -6.90 4.32 18.22
CA GLY B 27 -7.79 5.23 18.92
C GLY B 27 -9.07 4.53 19.34
N LYS B 28 -9.60 3.71 18.44
CA LYS B 28 -10.82 2.95 18.70
C LYS B 28 -10.60 1.89 19.78
N ASN B 29 -9.40 1.36 19.87
CA ASN B 29 -9.12 0.34 20.87
C ASN B 29 -8.75 0.93 22.24
N SER B 30 -8.23 2.15 22.25
CA SER B 30 -7.81 2.78 23.50
C SER B 30 -8.66 3.97 23.96
N ASN B 31 -9.45 4.54 23.05
CA ASN B 31 -10.29 5.70 23.35
C ASN B 31 -9.41 6.90 23.70
N HIS B 32 -8.22 6.94 23.11
CA HIS B 32 -7.27 8.03 23.35
C HIS B 32 -7.87 9.36 22.91
N SER B 33 -7.61 10.40 23.70
CA SER B 33 -8.11 11.74 23.38
C SER B 33 -6.92 12.66 23.09
N TYR B 34 -6.84 13.17 21.87
CA TYR B 34 -5.74 14.05 21.47
C TYR B 34 -6.09 15.52 21.68
N ASP B 35 -5.05 16.34 21.90
CA ASP B 35 -5.25 17.77 22.11
C ASP B 35 -5.46 18.44 20.76
N PHE B 36 -6.64 19.00 20.56
CA PHE B 36 -6.96 19.65 19.28
C PHE B 36 -5.99 20.74 18.83
N PHE B 37 -5.79 21.75 19.66
CA PHE B 37 -4.91 22.86 19.31
C PHE B 37 -3.41 22.53 19.25
N GLU B 38 -2.98 21.54 20.01
CA GLU B 38 -1.56 21.18 20.03
C GLU B 38 -1.18 19.99 19.15
N THR B 39 -2.16 19.20 18.73
CA THR B 39 -1.85 18.04 17.90
C THR B 39 -2.68 17.95 16.61
N ILE B 40 -3.99 17.84 16.74
CA ILE B 40 -4.89 17.72 15.60
C ILE B 40 -4.75 18.85 14.57
N LYS B 41 -4.96 20.09 15.01
CA LYS B 41 -4.86 21.24 14.11
C LYS B 41 -3.53 21.30 13.34
N PRO B 42 -2.38 21.19 14.03
CA PRO B 42 -1.09 21.23 13.33
C PRO B 42 -0.98 20.16 12.24
N ALA B 43 -1.45 18.95 12.55
CA ALA B 43 -1.42 17.85 11.61
C ALA B 43 -2.27 18.17 10.38
N VAL B 44 -3.49 18.66 10.62
CA VAL B 44 -4.38 19.03 9.52
C VAL B 44 -3.76 20.12 8.65
N GLU B 45 -3.23 21.17 9.30
CA GLU B 45 -2.63 22.28 8.57
C GLU B 45 -1.45 21.83 7.72
N GLU B 46 -0.57 21.03 8.30
CA GLU B 46 0.59 20.54 7.59
C GLU B 46 0.19 19.70 6.37
N ASN B 47 -0.78 18.82 6.57
CA ASN B 47 -1.23 17.98 5.46
C ASN B 47 -2.11 18.74 4.47
N ASP B 48 -2.61 19.91 4.89
CA ASP B 48 -3.43 20.73 4.01
C ASP B 48 -2.51 21.28 2.92
N GLU B 49 -1.35 21.76 3.34
CA GLU B 49 -0.36 22.32 2.43
C GLU B 49 0.12 21.23 1.46
N LEU B 50 0.34 20.03 2.00
CA LEU B 50 0.80 18.91 1.20
C LEU B 50 -0.22 18.58 0.11
N ALA B 51 -1.44 18.29 0.54
CA ALA B 51 -2.53 17.93 -0.37
C ALA B 51 -2.81 18.97 -1.45
N ALA B 52 -2.68 20.24 -1.10
CA ALA B 52 -2.95 21.30 -2.06
C ALA B 52 -1.89 21.37 -3.14
N ARG B 53 -0.62 21.39 -2.75
CA ARG B 53 0.46 21.44 -3.71
C ARG B 53 0.42 20.18 -4.57
N TRP B 54 0.14 19.06 -3.93
CA TRP B 54 0.06 17.80 -4.64
C TRP B 54 -1.06 17.84 -5.68
N ALA B 55 -2.25 18.23 -5.23
CA ALA B 55 -3.42 18.29 -6.10
C ALA B 55 -3.18 19.08 -7.39
N GLU B 56 -2.47 20.20 -7.29
CA GLU B 56 -2.19 21.03 -8.47
C GLU B 56 -1.26 20.32 -9.45
N GLY B 57 -0.19 19.74 -8.92
CA GLY B 57 0.75 19.04 -9.78
C GLY B 57 0.11 17.78 -10.37
N ALA B 58 -0.83 17.21 -9.62
CA ALA B 58 -1.51 16.00 -10.05
C ALA B 58 -2.53 16.29 -11.15
N LEU B 59 -3.36 17.30 -10.97
CA LEU B 59 -4.36 17.63 -11.97
C LEU B 59 -3.67 18.04 -13.27
N GLU B 60 -2.43 18.51 -13.16
CA GLU B 60 -1.67 18.92 -14.32
C GLU B 60 -1.15 17.64 -15.00
N LEU B 61 -0.79 16.66 -14.17
CA LEU B 61 -0.28 15.38 -14.65
C LEU B 61 -1.38 14.62 -15.39
N ILE B 62 -2.60 14.73 -14.88
CA ILE B 62 -3.75 14.07 -15.47
C ILE B 62 -4.20 14.76 -16.76
N LYS B 63 -4.00 16.07 -16.83
CA LYS B 63 -4.39 16.85 -18.00
C LYS B 63 -3.47 16.61 -19.20
N VAL B 64 -2.26 17.17 -19.13
CA VAL B 64 -1.29 17.03 -20.21
C VAL B 64 -1.10 15.57 -20.61
N ARG B 65 -1.20 14.67 -19.64
CA ARG B 65 -1.02 13.25 -19.92
C ARG B 65 -2.10 12.44 -19.21
N ARG B 66 -3.26 12.35 -19.85
CA ARG B 66 -4.41 11.62 -19.31
C ARG B 66 -4.16 10.12 -19.20
N PRO B 67 -4.45 9.54 -18.03
CA PRO B 67 -4.27 8.10 -17.79
C PRO B 67 -5.49 7.28 -18.21
N HIS B 71 -7.78 7.69 -12.19
CA HIS B 71 -7.59 8.10 -13.58
C HIS B 71 -8.00 9.55 -13.78
N LYS B 72 -9.31 9.77 -13.87
CA LYS B 72 -9.86 11.10 -14.11
C LYS B 72 -9.53 12.12 -13.03
N GLU B 73 -10.13 13.30 -13.15
CA GLU B 73 -9.91 14.40 -12.23
C GLU B 73 -10.62 14.20 -10.90
N GLN B 74 -10.41 13.04 -10.29
CA GLN B 74 -11.00 12.71 -9.00
C GLN B 74 -9.94 13.05 -7.96
N ILE B 75 -9.05 13.94 -8.37
CA ILE B 75 -7.96 14.43 -7.52
C ILE B 75 -8.53 15.31 -6.43
N GLU B 76 -9.62 16.00 -6.75
CA GLU B 76 -10.27 16.90 -5.81
C GLU B 76 -10.88 16.08 -4.68
N ALA B 77 -11.32 14.87 -5.01
CA ALA B 77 -11.92 13.99 -4.01
C ALA B 77 -10.88 13.53 -2.99
N VAL B 78 -9.72 13.08 -3.46
CA VAL B 78 -8.69 12.63 -2.53
C VAL B 78 -8.14 13.79 -1.74
N LYS B 79 -8.02 14.94 -2.39
CA LYS B 79 -7.52 16.13 -1.72
C LYS B 79 -8.31 16.36 -0.43
N ASP B 80 -9.63 16.20 -0.54
CA ASP B 80 -10.52 16.39 0.61
C ASP B 80 -10.62 15.20 1.55
N ASN B 81 -10.76 13.99 1.01
CA ASN B 81 -10.87 12.80 1.85
C ASN B 81 -9.59 12.53 2.63
N PHE B 82 -8.47 12.95 2.06
CA PHE B 82 -7.18 12.78 2.71
C PHE B 82 -7.25 13.55 4.04
N LEU B 83 -7.64 14.82 3.95
CA LEU B 83 -7.75 15.66 5.14
C LEU B 83 -8.74 15.09 6.15
N GLU B 84 -9.87 14.59 5.67
CA GLU B 84 -10.85 14.01 6.56
C GLU B 84 -10.25 12.77 7.22
N LEU B 85 -9.42 12.06 6.46
CA LEU B 85 -8.76 10.85 6.96
C LEU B 85 -7.86 11.26 8.11
N VAL B 86 -7.07 12.31 7.90
CA VAL B 86 -6.17 12.81 8.93
C VAL B 86 -6.94 13.25 10.18
N LEU B 87 -8.01 14.00 9.97
CA LEU B 87 -8.80 14.49 11.10
C LEU B 87 -9.32 13.35 11.95
N GLN B 88 -9.98 12.40 11.31
CA GLN B 88 -10.57 11.26 12.03
C GLN B 88 -9.52 10.33 12.64
N SER B 89 -8.29 10.35 12.12
CA SER B 89 -7.27 9.46 12.69
C SER B 89 -7.00 9.89 14.13
N TYR B 90 -7.37 11.12 14.46
CA TYR B 90 -7.18 11.63 15.83
C TYR B 90 -8.46 11.60 16.65
N VAL B 91 -9.56 12.07 16.07
CA VAL B 91 -10.84 12.12 16.77
C VAL B 91 -11.60 10.80 16.75
N HIS B 92 -11.33 10.00 15.72
CA HIS B 92 -11.97 8.70 15.52
C HIS B 92 -13.45 8.65 15.89
N HIS B 93 -14.22 9.57 15.32
CA HIS B 93 -15.66 9.63 15.57
C HIS B 93 -16.48 8.85 14.55
N ILE B 94 -16.15 9.00 13.27
CA ILE B 94 -16.89 8.29 12.23
C ILE B 94 -16.72 6.78 12.40
N HIS B 95 -17.64 6.01 11.85
CA HIS B 95 -17.59 4.56 11.96
C HIS B 95 -16.45 3.93 11.18
N LYS B 96 -16.04 2.75 11.61
CA LYS B 96 -14.95 2.02 10.98
C LYS B 96 -15.22 1.72 9.51
N LYS B 97 -16.50 1.53 9.16
CA LYS B 97 -16.86 1.26 7.77
C LYS B 97 -16.57 2.46 6.89
N ARG B 98 -17.07 3.62 7.29
CA ARG B 98 -16.87 4.85 6.53
C ARG B 98 -15.39 5.24 6.49
N PHE B 99 -14.67 4.99 7.59
CA PHE B 99 -13.25 5.32 7.63
C PHE B 99 -12.47 4.44 6.67
N LYS B 100 -12.80 3.15 6.66
CA LYS B 100 -12.15 2.18 5.79
C LYS B 100 -12.45 2.52 4.33
N ASP B 101 -13.68 2.93 4.04
CA ASP B 101 -14.06 3.28 2.67
C ASP B 101 -13.22 4.45 2.16
N ILE B 102 -13.00 5.43 3.04
CA ILE B 102 -12.21 6.61 2.69
C ILE B 102 -10.74 6.25 2.48
N THR B 103 -10.22 5.42 3.37
CA THR B 103 -8.82 5.00 3.28
C THR B 103 -8.54 4.27 1.97
N GLU B 104 -9.42 3.34 1.61
CA GLU B 104 -9.23 2.59 0.37
C GLU B 104 -9.29 3.53 -0.83
N SER B 105 -10.23 4.46 -0.82
CA SER B 105 -10.39 5.43 -1.92
C SER B 105 -9.13 6.28 -2.07
N VAL B 106 -8.75 6.94 -0.98
CA VAL B 106 -7.56 7.77 -0.95
C VAL B 106 -6.35 6.99 -1.46
N LEU B 107 -6.04 5.87 -0.82
CA LEU B 107 -4.89 5.07 -1.24
C LEU B 107 -4.92 4.64 -2.70
N TYR B 108 -6.09 4.27 -3.20
CA TYR B 108 -6.21 3.85 -4.59
C TYR B 108 -5.76 4.94 -5.56
N THR B 109 -6.27 6.15 -5.35
CA THR B 109 -5.91 7.27 -6.23
C THR B 109 -4.43 7.62 -6.09
N LEU B 110 -3.93 7.63 -4.85
CA LEU B 110 -2.51 7.96 -4.66
C LEU B 110 -1.62 6.97 -5.41
N HIS B 111 -1.79 5.68 -5.12
CA HIS B 111 -0.98 4.67 -5.79
C HIS B 111 -1.18 4.72 -7.31
N ALA B 112 -2.39 5.05 -7.74
CA ALA B 112 -2.67 5.11 -9.17
C ALA B 112 -1.78 6.20 -9.76
N VAL B 113 -1.69 7.33 -9.06
CA VAL B 113 -0.87 8.45 -9.52
C VAL B 113 0.61 8.13 -9.35
N LYS B 114 0.92 7.38 -8.30
CA LYS B 114 2.31 7.00 -8.04
C LYS B 114 2.78 6.12 -9.21
N ASP B 115 1.87 5.33 -9.76
CA ASP B 115 2.19 4.44 -10.87
C ASP B 115 2.29 5.21 -12.18
N GLU B 116 1.37 6.15 -12.38
CA GLU B 116 1.34 6.96 -13.58
C GLU B 116 2.66 7.71 -13.74
N ILE B 117 3.32 7.99 -12.62
CA ILE B 117 4.60 8.69 -12.63
C ILE B 117 5.70 7.63 -12.59
N ALA B 118 5.92 6.98 -13.72
CA ALA B 118 6.94 5.95 -13.85
C ALA B 118 7.21 5.75 -15.33
N ARG B 119 7.32 6.88 -16.04
CA ARG B 119 7.57 6.90 -17.47
C ARG B 119 8.87 6.17 -17.84
#